data_2WYZ
#
_entry.id   2WYZ
#
_cell.length_a   38.717
_cell.length_b   67.589
_cell.length_c   50.777
_cell.angle_alpha   90.00
_cell.angle_beta   105.98
_cell.angle_gamma   90.00
#
_symmetry.space_group_name_H-M   'P 1 21 1'
#
loop_
_entity.id
_entity.type
_entity.pdbx_description
1 polymer 'SUPEROXIDE DISMUTASE [CU-ZN]'
2 non-polymer 'ZINC ION'
3 non-polymer 'COPPER (II) ION'
4 non-polymer 'SULFATE ION'
5 non-polymer "URIDINE-5'-MONOPHOSPHATE"
6 water water
#
_entity_poly.entity_id   1
_entity_poly.type   'polypeptide(L)'
_entity_poly.pdbx_seq_one_letter_code
;ATKAVCVLKGDGPVQGIINFEQKESNGPVKVWGSIKGVTEGLHGFHVHEFGDNTAGCTSAGPHFNPLSRKHGGPKDEERH
VGDLGNVTADKDGVADVSIEDSVISLSGDH(CSO)IIGRTLVVHEKADDLGKGGNEESTKTGNAGSRLACGVIGIAQ
;
_entity_poly.pdbx_strand_id   A,F
#
loop_
_chem_comp.id
_chem_comp.type
_chem_comp.name
_chem_comp.formula
CU non-polymer 'COPPER (II) ION' 'Cu 2'
SO4 non-polymer 'SULFATE ION' 'O4 S -2'
U5P non-polymer URIDINE-5'-MONOPHOSPHATE 'C9 H13 N2 O9 P'
ZN non-polymer 'ZINC ION' 'Zn 2'
#
# COMPACT_ATOMS: atom_id res chain seq x y z
N ALA A 1 17.99 5.69 -7.14
CA ALA A 1 17.05 4.75 -7.80
C ALA A 1 15.93 4.32 -6.84
N THR A 2 14.72 4.81 -7.08
CA THR A 2 13.55 4.42 -6.30
C THR A 2 12.83 3.32 -7.09
N LYS A 3 12.31 2.34 -6.35
CA LYS A 3 11.53 1.24 -6.88
C LYS A 3 10.24 1.13 -6.08
N ALA A 4 9.17 0.73 -6.76
CA ALA A 4 7.89 0.48 -6.14
C ALA A 4 7.27 -0.73 -6.78
N VAL A 5 6.20 -1.22 -6.17
CA VAL A 5 5.58 -2.44 -6.63
C VAL A 5 4.12 -2.45 -6.24
N CYS A 6 3.32 -3.21 -6.96
CA CYS A 6 1.88 -3.32 -6.73
C CYS A 6 1.37 -4.70 -7.13
N VAL A 7 0.75 -5.39 -6.16
CA VAL A 7 0.02 -6.62 -6.38
C VAL A 7 -1.44 -6.30 -6.62
N LEU A 8 -1.94 -6.61 -7.83
CA LEU A 8 -3.34 -6.38 -8.20
C LEU A 8 -4.20 -7.59 -7.89
N LYS A 9 -5.26 -7.40 -7.13
CA LYS A 9 -6.24 -8.45 -6.84
C LYS A 9 -7.63 -7.84 -6.87
N GLY A 10 -8.64 -8.65 -7.15
CA GLY A 10 -10.02 -8.17 -7.06
C GLY A 10 -10.94 -9.29 -6.59
N ASP A 11 -12.25 -9.18 -6.83
CA ASP A 11 -13.20 -10.24 -6.41
C ASP A 11 -13.46 -11.29 -7.49
N GLY A 12 -12.80 -11.18 -8.63
CA GLY A 12 -12.90 -12.22 -9.63
C GLY A 12 -11.54 -12.84 -9.92
N PRO A 13 -11.34 -13.29 -11.18
CA PRO A 13 -10.13 -13.99 -11.64
C PRO A 13 -8.88 -13.12 -11.89
N VAL A 14 -9.03 -11.79 -11.87
CA VAL A 14 -8.00 -10.88 -12.32
C VAL A 14 -6.91 -10.68 -11.28
N GLN A 15 -5.68 -10.93 -11.67
CA GLN A 15 -4.55 -10.77 -10.78
C GLN A 15 -3.36 -10.28 -11.58
N GLY A 16 -2.49 -9.55 -10.90
CA GLY A 16 -1.34 -9.01 -11.56
C GLY A 16 -0.26 -8.60 -10.60
N ILE A 17 0.88 -8.28 -11.18
CA ILE A 17 2.03 -7.77 -10.45
C ILE A 17 2.67 -6.75 -11.35
N ILE A 18 2.83 -5.53 -10.81
CA ILE A 18 3.40 -4.42 -11.57
C ILE A 18 4.55 -3.78 -10.79
N ASN A 19 5.66 -3.57 -11.46
CA ASN A 19 6.84 -3.03 -10.88
C ASN A 19 7.06 -1.63 -11.43
N PHE A 20 7.60 -0.75 -10.61
CA PHE A 20 7.98 0.62 -11.02
C PHE A 20 9.45 0.88 -10.73
N GLU A 21 10.14 1.62 -11.61
CA GLU A 21 11.54 1.96 -11.39
C GLU A 21 11.87 3.36 -11.87
N GLN A 22 12.43 4.19 -11.00
CA GLN A 22 12.79 5.57 -11.37
C GLN A 22 14.23 5.82 -10.97
N LYS A 23 15.12 5.77 -11.93
CA LYS A 23 16.57 6.03 -11.69
C LYS A 23 16.87 7.41 -11.05
N GLU A 24 16.23 8.48 -11.52
CA GLU A 24 16.55 9.84 -11.08
C GLU A 24 15.29 10.55 -10.63
N SER A 25 15.36 11.35 -9.57
CA SER A 25 14.22 12.18 -9.16
C SER A 25 13.76 12.99 -10.38
N ASN A 26 12.46 13.12 -10.55
CA ASN A 26 11.94 13.76 -11.75
C ASN A 26 12.64 13.26 -13.04
N GLY A 27 12.99 11.97 -13.08
CA GLY A 27 13.21 11.29 -14.35
C GLY A 27 11.98 10.44 -14.66
N PRO A 28 11.96 9.74 -15.81
CA PRO A 28 10.85 8.88 -16.18
C PRO A 28 10.81 7.61 -15.33
N VAL A 29 9.59 7.11 -15.16
CA VAL A 29 9.33 5.92 -14.39
C VAL A 29 9.04 4.79 -15.36
N LYS A 30 9.79 3.71 -15.24
CA LYS A 30 9.56 2.53 -16.02
CA LYS A 30 9.53 2.53 -16.04
C LYS A 30 8.51 1.68 -15.28
N VAL A 31 7.51 1.21 -16.00
CA VAL A 31 6.45 0.42 -15.42
C VAL A 31 6.42 -0.92 -16.17
N TRP A 32 6.53 -2.03 -15.44
CA TRP A 32 6.51 -3.34 -16.08
C TRP A 32 5.97 -4.46 -15.20
N GLY A 33 5.40 -5.46 -15.87
CA GLY A 33 4.83 -6.63 -15.22
C GLY A 33 3.78 -7.37 -16.05
N SER A 34 2.86 -8.05 -15.38
CA SER A 34 1.89 -8.88 -16.06
C SER A 34 0.58 -8.87 -15.31
N ILE A 35 -0.51 -8.98 -16.06
CA ILE A 35 -1.84 -9.10 -15.50
C ILE A 35 -2.52 -10.20 -16.28
N LYS A 36 -3.23 -11.07 -15.58
CA LYS A 36 -3.92 -12.20 -16.17
C LYS A 36 -5.36 -12.30 -15.73
N GLY A 37 -6.14 -13.10 -16.48
CA GLY A 37 -7.52 -13.33 -16.16
C GLY A 37 -8.47 -12.23 -16.59
N VAL A 38 -8.05 -11.41 -17.55
CA VAL A 38 -8.91 -10.36 -18.11
C VAL A 38 -9.33 -10.74 -19.53
N THR A 39 -10.33 -10.06 -20.07
CA THR A 39 -10.82 -10.36 -21.41
C THR A 39 -9.80 -9.86 -22.44
N GLU A 40 -9.76 -10.53 -23.59
CA GLU A 40 -8.98 -10.04 -24.73
C GLU A 40 -9.33 -8.59 -25.09
N GLY A 41 -8.31 -7.72 -25.15
CA GLY A 41 -8.51 -6.38 -25.57
C GLY A 41 -7.98 -5.38 -24.56
N LEU A 42 -8.41 -4.15 -24.69
CA LEU A 42 -7.87 -3.03 -23.91
C LEU A 42 -8.53 -2.94 -22.56
N HIS A 43 -7.74 -2.64 -21.55
CA HIS A 43 -8.23 -2.41 -20.19
C HIS A 43 -7.62 -1.16 -19.61
N GLY A 44 -8.45 -0.22 -19.16
CA GLY A 44 -8.00 1.00 -18.56
C GLY A 44 -7.08 0.71 -17.39
N PHE A 45 -6.07 1.56 -17.26
CA PHE A 45 -4.96 1.30 -16.33
C PHE A 45 -4.56 2.62 -15.72
N HIS A 46 -4.96 2.85 -14.47
CA HIS A 46 -4.78 4.14 -13.82
C HIS A 46 -4.31 4.08 -12.38
N VAL A 47 -3.63 5.15 -11.96
CA VAL A 47 -3.39 5.38 -10.55
C VAL A 47 -4.57 6.23 -10.03
N HIS A 48 -5.25 5.69 -9.04
CA HIS A 48 -6.35 6.38 -8.34
C HIS A 48 -5.82 7.03 -7.08
N GLU A 49 -6.56 7.99 -6.56
CA GLU A 49 -6.02 8.93 -5.59
C GLU A 49 -5.62 8.31 -4.22
N PHE A 50 -6.46 7.42 -3.71
CA PHE A 50 -6.31 6.91 -2.36
C PHE A 50 -5.81 5.47 -2.36
N GLY A 51 -4.87 5.19 -1.47
CA GLY A 51 -4.40 3.82 -1.23
C GLY A 51 -5.32 3.14 -0.25
N ASP A 52 -6.63 3.23 -0.51
CA ASP A 52 -7.67 2.81 0.42
C ASP A 52 -8.44 1.67 -0.22
N ASN A 53 -8.27 0.50 0.37
CA ASN A 53 -8.92 -0.70 -0.11
C ASN A 53 -9.94 -1.26 0.90
N THR A 54 -10.38 -0.37 1.80
CA THR A 54 -11.28 -0.69 2.92
C THR A 54 -12.45 -1.55 2.45
N ALA A 55 -13.10 -1.09 1.38
CA ALA A 55 -14.22 -1.84 0.83
C ALA A 55 -13.96 -2.29 -0.61
N GLY A 56 -12.69 -2.60 -0.90
CA GLY A 56 -12.25 -3.02 -2.21
C GLY A 56 -11.84 -1.84 -3.05
N CYS A 57 -11.74 -2.05 -4.36
CA CYS A 57 -11.22 -1.03 -5.27
C CYS A 57 -12.04 0.25 -5.33
N THR A 58 -13.32 0.19 -4.99
CA THR A 58 -14.14 1.40 -4.96
C THR A 58 -13.59 2.47 -4.02
N SER A 59 -13.00 2.03 -2.89
CA SER A 59 -12.53 2.94 -1.86
C SER A 59 -11.33 3.80 -2.34
N ALA A 60 -10.74 3.42 -3.47
CA ALA A 60 -9.60 4.16 -4.01
C ALA A 60 -9.93 5.54 -4.56
N GLY A 61 -11.21 5.86 -4.75
CA GLY A 61 -11.55 7.19 -5.21
C GLY A 61 -11.31 7.38 -6.71
N PRO A 62 -11.28 8.66 -7.13
CA PRO A 62 -11.15 9.01 -8.53
C PRO A 62 -9.69 8.92 -8.97
N HIS A 63 -9.42 9.27 -10.22
CA HIS A 63 -8.04 9.23 -10.73
C HIS A 63 -7.18 10.24 -9.97
N PHE A 64 -5.93 9.87 -9.70
CA PHE A 64 -4.98 10.76 -9.07
C PHE A 64 -4.81 11.99 -9.97
N ASN A 65 -5.24 13.15 -9.48
CA ASN A 65 -5.33 14.36 -10.29
C ASN A 65 -4.93 15.61 -9.46
N PRO A 66 -3.69 15.65 -8.99
CA PRO A 66 -3.24 16.77 -8.16
C PRO A 66 -3.27 18.11 -8.90
N LEU A 67 -3.14 18.10 -10.21
CA LEU A 67 -3.08 19.34 -10.98
C LEU A 67 -4.44 19.76 -11.55
N SER A 68 -5.51 19.09 -11.11
CA SER A 68 -6.86 19.44 -11.56
C SER A 68 -6.98 19.59 -13.09
N ARG A 69 -6.58 18.55 -13.81
CA ARG A 69 -6.74 18.51 -15.26
C ARG A 69 -7.89 17.60 -15.63
N LYS A 70 -8.24 17.59 -16.91
CA LYS A 70 -9.18 16.65 -17.44
C LYS A 70 -8.48 15.31 -17.74
N HIS A 71 -9.29 14.28 -17.88
CA HIS A 71 -8.81 12.95 -18.23
C HIS A 71 -8.22 12.89 -19.65
N GLY A 72 -7.14 12.16 -19.80
CA GLY A 72 -6.55 11.95 -21.11
C GLY A 72 -5.76 10.66 -21.13
N GLY A 73 -4.90 10.56 -22.13
CA GLY A 73 -4.02 9.44 -22.32
C GLY A 73 -2.62 9.80 -21.83
N PRO A 74 -1.75 8.79 -21.68
CA PRO A 74 -0.45 9.09 -21.08
C PRO A 74 0.42 10.02 -21.92
N LYS A 75 0.10 10.15 -23.21
CA LYS A 75 0.94 10.98 -24.08
C LYS A 75 0.24 12.27 -24.42
N ASP A 76 -0.78 12.61 -23.65
CA ASP A 76 -1.46 13.90 -23.77
C ASP A 76 -0.93 14.87 -22.72
N GLU A 77 -0.85 16.16 -23.06
CA GLU A 77 -0.57 17.19 -22.05
C GLU A 77 -1.73 17.24 -21.06
N GLU A 78 -2.95 17.21 -21.59
CA GLU A 78 -4.12 17.31 -20.75
C GLU A 78 -4.46 15.89 -20.28
N ARG A 79 -4.02 15.58 -19.08
CA ARG A 79 -4.25 14.27 -18.49
C ARG A 79 -4.15 14.42 -17.00
N HIS A 80 -4.75 13.48 -16.28
CA HIS A 80 -4.52 13.31 -14.85
C HIS A 80 -3.11 12.72 -14.64
N VAL A 81 -2.43 13.04 -13.54
CA VAL A 81 -1.16 12.37 -13.22
C VAL A 81 -1.34 10.86 -13.35
N GLY A 82 -2.44 10.32 -12.83
CA GLY A 82 -2.65 8.87 -12.83
C GLY A 82 -3.05 8.19 -14.16
N ASP A 83 -3.09 8.93 -15.25
CA ASP A 83 -3.58 8.43 -16.51
C ASP A 83 -2.54 7.60 -17.28
N LEU A 84 -2.51 6.28 -17.07
CA LEU A 84 -1.54 5.41 -17.74
C LEU A 84 -2.12 4.62 -18.90
N GLY A 85 -3.29 5.00 -19.39
CA GLY A 85 -3.78 4.49 -20.68
C GLY A 85 -4.48 3.17 -20.53
N ASN A 86 -4.10 2.22 -21.37
CA ASN A 86 -4.60 0.87 -21.42
C ASN A 86 -3.48 -0.13 -21.39
N VAL A 87 -3.74 -1.27 -20.78
CA VAL A 87 -2.95 -2.49 -21.00
C VAL A 87 -3.76 -3.32 -21.98
N THR A 88 -3.06 -4.13 -22.77
CA THR A 88 -3.72 -4.91 -23.84
C THR A 88 -3.52 -6.38 -23.59
N ALA A 89 -4.63 -7.09 -23.45
CA ALA A 89 -4.61 -8.52 -23.19
C ALA A 89 -4.85 -9.32 -24.48
N ASP A 90 -4.19 -10.46 -24.60
CA ASP A 90 -4.32 -11.38 -25.73
C ASP A 90 -5.52 -12.35 -25.53
N LYS A 91 -5.70 -13.35 -26.41
CA LYS A 91 -6.82 -14.31 -26.27
C LYS A 91 -6.63 -15.17 -25.03
N ASP A 92 -5.39 -15.28 -24.55
CA ASP A 92 -5.16 -16.04 -23.34
C ASP A 92 -5.53 -15.21 -22.10
N GLY A 93 -5.86 -13.94 -22.29
CA GLY A 93 -6.27 -13.07 -21.18
C GLY A 93 -5.11 -12.51 -20.37
N VAL A 94 -3.91 -12.57 -20.95
CA VAL A 94 -2.70 -12.07 -20.32
C VAL A 94 -2.27 -10.77 -20.96
N ALA A 95 -2.00 -9.76 -20.13
CA ALA A 95 -1.50 -8.47 -20.60
C ALA A 95 -0.09 -8.32 -20.07
N ASP A 96 0.89 -8.22 -20.94
CA ASP A 96 2.24 -7.96 -20.51
C ASP A 96 2.41 -6.43 -20.59
N VAL A 97 2.84 -5.84 -19.49
CA VAL A 97 2.89 -4.41 -19.34
C VAL A 97 4.32 -3.98 -19.45
N SER A 98 4.58 -3.06 -20.36
CA SER A 98 5.86 -2.38 -20.41
C SER A 98 5.58 -0.95 -20.84
N ILE A 99 5.68 -0.03 -19.87
CA ILE A 99 5.28 1.38 -20.02
C ILE A 99 6.49 2.24 -19.53
N GLU A 100 6.75 3.38 -20.16
CA GLU A 100 7.58 4.39 -19.56
C GLU A 100 6.74 5.65 -19.50
N ASP A 101 6.74 6.33 -18.36
CA ASP A 101 5.95 7.55 -18.16
C ASP A 101 6.74 8.63 -17.45
N SER A 102 6.63 9.87 -17.91
CA SER A 102 7.39 10.96 -17.30
C SER A 102 6.55 11.92 -16.46
N VAL A 103 5.30 11.56 -16.21
CA VAL A 103 4.40 12.40 -15.45
C VAL A 103 4.27 11.83 -14.03
N ILE A 104 4.03 10.53 -13.90
CA ILE A 104 4.04 9.93 -12.55
C ILE A 104 5.46 10.07 -11.98
N SER A 105 5.57 9.97 -10.65
CA SER A 105 6.86 9.95 -10.00
C SER A 105 6.77 9.03 -8.79
N LEU A 106 7.92 8.60 -8.30
CA LEU A 106 8.04 7.88 -7.03
C LEU A 106 8.54 8.77 -5.87
N SER A 107 8.64 10.08 -6.07
CA SER A 107 8.80 11.07 -4.96
C SER A 107 8.14 12.41 -5.32
N GLY A 108 8.03 13.32 -4.34
CA GLY A 108 7.46 14.65 -4.57
C GLY A 108 5.95 14.68 -4.76
N ASP A 109 5.42 15.79 -5.26
CA ASP A 109 3.95 15.97 -5.34
C ASP A 109 3.24 15.13 -6.42
N HIS A 110 3.98 14.60 -7.39
CA HIS A 110 3.43 13.61 -8.36
C HIS A 110 3.62 12.18 -7.86
N CSO A 111 4.03 12.01 -6.59
CA CSO A 111 4.36 10.67 -6.06
CB CSO A 111 4.91 10.72 -4.63
SG CSO A 111 5.53 9.09 -4.20
C CSO A 111 3.12 9.77 -6.05
O CSO A 111 2.07 10.15 -5.48
OD CSO A 111 6.50 9.11 -2.67
N ILE A 112 3.27 8.55 -6.58
CA ILE A 112 2.22 7.56 -6.63
C ILE A 112 2.31 6.48 -5.55
N ILE A 113 3.39 6.52 -4.78
CA ILE A 113 3.53 5.56 -3.67
C ILE A 113 2.40 5.83 -2.66
N GLY A 114 1.72 4.75 -2.23
CA GLY A 114 0.66 4.82 -1.26
C GLY A 114 -0.69 5.11 -1.91
N ARG A 115 -0.72 5.14 -3.23
CA ARG A 115 -1.97 5.27 -3.97
C ARG A 115 -2.36 3.92 -4.56
N THR A 116 -3.47 3.87 -5.31
CA THR A 116 -3.98 2.59 -5.80
C THR A 116 -3.85 2.48 -7.33
N LEU A 117 -3.24 1.39 -7.81
CA LEU A 117 -3.21 1.06 -9.24
C LEU A 117 -4.40 0.18 -9.53
N VAL A 118 -5.16 0.53 -10.59
CA VAL A 118 -6.42 -0.14 -10.94
C VAL A 118 -6.37 -0.57 -12.41
N VAL A 119 -6.76 -1.81 -12.66
CA VAL A 119 -7.02 -2.30 -13.99
C VAL A 119 -8.56 -2.43 -14.15
N HIS A 120 -9.04 -1.86 -15.25
CA HIS A 120 -10.46 -1.74 -15.51
C HIS A 120 -11.07 -2.82 -16.45
N GLU A 121 -12.39 -2.90 -16.40
CA GLU A 121 -13.24 -3.78 -17.18
C GLU A 121 -13.12 -3.56 -18.70
N LYS A 122 -13.24 -2.30 -19.11
CA LYS A 122 -13.29 -1.95 -20.51
C LYS A 122 -12.10 -1.08 -20.89
N ALA A 123 -12.06 -0.68 -22.15
CA ALA A 123 -11.04 0.25 -22.62
C ALA A 123 -11.24 1.70 -22.13
N ASP A 124 -10.10 2.38 -21.91
CA ASP A 124 -10.03 3.80 -21.67
C ASP A 124 -9.99 4.47 -23.05
N ASP A 125 -10.91 5.39 -23.31
CA ASP A 125 -10.95 6.12 -24.60
C ASP A 125 -10.03 7.33 -24.64
N LEU A 126 -9.20 7.47 -23.60
CA LEU A 126 -8.17 8.48 -23.48
C LEU A 126 -8.75 9.88 -23.64
N GLY A 127 -10.02 10.02 -23.27
CA GLY A 127 -10.71 11.33 -23.30
C GLY A 127 -11.18 11.72 -24.68
N LYS A 128 -11.10 10.78 -25.62
CA LYS A 128 -11.49 11.02 -27.02
C LYS A 128 -12.85 10.42 -27.36
N GLY A 129 -13.58 10.00 -26.32
CA GLY A 129 -14.89 9.46 -26.46
C GLY A 129 -15.94 10.54 -26.72
N GLY A 130 -17.13 10.08 -27.03
CA GLY A 130 -18.20 11.00 -27.49
C GLY A 130 -19.21 11.31 -26.41
N ASN A 131 -18.75 11.39 -25.16
CA ASN A 131 -19.61 11.79 -24.04
C ASN A 131 -18.87 12.56 -22.97
N GLU A 132 -19.61 13.02 -21.96
CA GLU A 132 -19.10 13.76 -20.81
C GLU A 132 -18.13 12.96 -19.94
N GLU A 133 -18.42 11.69 -19.72
CA GLU A 133 -17.61 10.85 -18.83
CA GLU A 133 -17.60 10.88 -18.80
C GLU A 133 -16.21 10.60 -19.40
N SER A 134 -16.07 10.79 -20.71
CA SER A 134 -14.78 10.51 -21.36
C SER A 134 -13.64 11.36 -20.78
N THR A 135 -13.88 12.63 -20.47
CA THR A 135 -12.83 13.50 -19.96
C THR A 135 -12.80 13.53 -18.41
N LYS A 136 -13.46 12.54 -17.79
CA LYS A 136 -13.34 12.28 -16.36
C LYS A 136 -12.75 10.89 -16.06
N THR A 137 -13.27 9.84 -16.69
CA THR A 137 -12.84 8.48 -16.41
C THR A 137 -12.35 7.67 -17.63
N GLY A 138 -12.54 8.21 -18.84
CA GLY A 138 -12.23 7.49 -20.07
C GLY A 138 -13.18 6.36 -20.37
N ASN A 139 -14.29 6.32 -19.64
CA ASN A 139 -15.32 5.28 -19.84
C ASN A 139 -14.77 3.86 -19.66
N ALA A 140 -13.83 3.67 -18.75
CA ALA A 140 -13.23 2.34 -18.60
C ALA A 140 -13.98 1.35 -17.69
N GLY A 141 -15.05 1.81 -17.04
CA GLY A 141 -16.00 0.94 -16.40
C GLY A 141 -15.51 0.43 -15.08
N SER A 142 -15.96 -0.76 -14.72
CA SER A 142 -15.70 -1.25 -13.36
C SER A 142 -14.20 -1.53 -13.09
N ARG A 143 -13.87 -1.68 -11.82
CA ARG A 143 -12.52 -1.96 -11.39
C ARG A 143 -12.42 -3.45 -11.15
N LEU A 144 -11.65 -4.12 -12.02
CA LEU A 144 -11.49 -5.58 -11.91
C LEU A 144 -10.51 -5.98 -10.85
N ALA A 145 -9.44 -5.21 -10.69
CA ALA A 145 -8.39 -5.56 -9.77
C ALA A 145 -7.62 -4.29 -9.40
N CYS A 146 -7.04 -4.30 -8.22
CA CYS A 146 -6.31 -3.13 -7.74
C CYS A 146 -5.39 -3.52 -6.61
N GLY A 147 -4.51 -2.59 -6.29
CA GLY A 147 -3.52 -2.79 -5.22
C GLY A 147 -2.95 -1.45 -4.81
N VAL A 148 -2.40 -1.39 -3.58
CA VAL A 148 -1.75 -0.17 -3.12
C VAL A 148 -0.32 -0.25 -3.59
N ILE A 149 0.17 0.86 -4.15
CA ILE A 149 1.56 0.95 -4.64
C ILE A 149 2.51 1.16 -3.44
N GLY A 150 3.44 0.24 -3.28
CA GLY A 150 4.39 0.25 -2.15
C GLY A 150 5.84 0.42 -2.57
N ILE A 151 6.63 0.88 -1.62
CA ILE A 151 8.05 1.04 -1.80
C ILE A 151 8.69 -0.33 -1.84
N ALA A 152 9.54 -0.53 -2.84
CA ALA A 152 10.24 -1.79 -3.05
C ALA A 152 11.73 -1.66 -2.79
N GLN A 153 12.33 -2.81 -2.58
CA GLN A 153 13.76 -2.98 -2.34
C GLN A 153 14.56 -2.72 -3.59
N ALA B 1 0.46 13.94 3.94
CA ALA B 1 -0.87 13.33 4.23
C ALA B 1 -1.18 13.42 5.73
N THR B 2 -2.44 13.68 6.03
CA THR B 2 -2.88 13.68 7.40
CA THR B 2 -2.96 13.72 7.37
C THR B 2 -3.57 12.36 7.73
N LYS B 3 -3.98 11.57 6.70
CA LYS B 3 -4.64 10.25 6.97
C LYS B 3 -4.10 9.10 6.09
N ALA B 4 -4.05 7.90 6.68
CA ALA B 4 -3.63 6.70 5.99
C ALA B 4 -4.44 5.53 6.50
N VAL B 5 -4.37 4.42 5.75
CA VAL B 5 -5.21 3.28 6.04
C VAL B 5 -4.49 2.03 5.60
N CYS B 6 -4.80 0.91 6.24
CA CYS B 6 -4.21 -0.35 5.88
C CYS B 6 -5.22 -1.47 6.09
N VAL B 7 -5.40 -2.29 5.07
CA VAL B 7 -6.23 -3.48 5.15
C VAL B 7 -5.29 -4.67 5.35
N LEU B 8 -5.41 -5.34 6.50
CA LEU B 8 -4.58 -6.51 6.83
C LEU B 8 -5.31 -7.78 6.39
N LYS B 9 -4.63 -8.62 5.62
CA LYS B 9 -5.18 -9.90 5.21
C LYS B 9 -4.16 -11.01 5.43
N GLY B 10 -4.68 -12.16 5.84
CA GLY B 10 -3.89 -13.34 6.11
C GLY B 10 -4.78 -14.55 6.26
N ASP B 11 -4.16 -15.72 6.25
CA ASP B 11 -4.87 -16.97 6.38
C ASP B 11 -5.55 -17.06 7.76
N GLY B 12 -6.81 -17.48 7.76
CA GLY B 12 -7.55 -17.68 9.02
C GLY B 12 -9.07 -17.75 8.84
N PRO B 13 -9.70 -16.68 8.35
CA PRO B 13 -9.04 -15.46 7.92
C PRO B 13 -8.59 -14.61 9.10
N VAL B 14 -7.40 -14.05 9.02
CA VAL B 14 -7.06 -12.92 9.84
C VAL B 14 -7.40 -11.72 8.99
N GLN B 15 -8.27 -10.85 9.48
CA GLN B 15 -8.68 -9.66 8.74
C GLN B 15 -8.63 -8.43 9.63
N GLY B 16 -8.11 -7.33 9.09
CA GLY B 16 -8.04 -6.12 9.87
C GLY B 16 -8.10 -4.88 9.01
N ILE B 17 -8.50 -3.80 9.65
CA ILE B 17 -8.56 -2.47 9.05
CA ILE B 17 -8.51 -2.47 9.04
C ILE B 17 -7.97 -1.52 10.09
N ILE B 18 -6.89 -0.82 9.73
CA ILE B 18 -6.20 0.04 10.64
C ILE B 18 -6.11 1.42 10.02
N ASN B 19 -6.53 2.43 10.77
CA ASN B 19 -6.55 3.80 10.32
C ASN B 19 -5.44 4.57 11.02
N PHE B 20 -4.83 5.49 10.30
CA PHE B 20 -3.82 6.40 10.80
C PHE B 20 -4.22 7.84 10.62
N GLU B 21 -3.99 8.67 11.63
CA GLU B 21 -4.32 10.10 11.52
C GLU B 21 -3.25 10.96 12.14
N GLN B 22 -2.73 11.94 11.39
CA GLN B 22 -1.70 12.82 11.93
C GLN B 22 -2.13 14.25 11.66
N LYS B 23 -2.53 14.96 12.71
CA LYS B 23 -2.96 16.39 12.61
C LYS B 23 -1.95 17.33 11.96
N GLU B 24 -0.68 17.18 12.34
CA GLU B 24 0.42 18.03 11.85
C GLU B 24 1.65 17.18 11.69
N SER B 25 2.56 17.60 10.81
CA SER B 25 3.71 16.79 10.45
C SER B 25 4.64 16.62 11.64
N ASN B 26 4.59 17.56 12.57
CA ASN B 26 5.43 17.47 13.77
C ASN B 26 4.71 16.79 14.96
N GLY B 27 3.55 16.21 14.71
CA GLY B 27 2.77 15.62 15.78
C GLY B 27 2.72 14.11 15.71
N PRO B 28 2.08 13.52 16.71
CA PRO B 28 1.95 12.10 16.81
C PRO B 28 0.95 11.56 15.80
N VAL B 29 1.05 10.25 15.55
CA VAL B 29 0.10 9.55 14.69
C VAL B 29 -0.82 8.70 15.57
N LYS B 30 -2.10 8.95 15.45
CA LYS B 30 -3.09 8.10 16.07
C LYS B 30 -3.33 6.92 15.16
N VAL B 31 -3.36 5.73 15.75
CA VAL B 31 -3.56 4.48 15.02
C VAL B 31 -4.77 3.76 15.66
N TRP B 32 -5.83 3.52 14.89
CA TRP B 32 -6.98 2.81 15.44
CA TRP B 32 -7.05 2.88 15.42
C TRP B 32 -7.65 1.91 14.41
N GLY B 33 -8.30 0.87 14.91
CA GLY B 33 -9.05 -0.02 14.09
C GLY B 33 -9.24 -1.34 14.81
N SER B 34 -9.38 -2.41 14.03
CA SER B 34 -9.71 -3.72 14.57
C SER B 34 -9.07 -4.79 13.75
N ILE B 35 -8.70 -5.87 14.42
CA ILE B 35 -8.12 -7.06 13.78
C ILE B 35 -8.83 -8.26 14.35
N LYS B 36 -9.30 -9.15 13.49
CA LYS B 36 -10.01 -10.36 13.94
C LYS B 36 -9.46 -11.64 13.35
N GLY B 37 -9.85 -12.75 13.95
CA GLY B 37 -9.37 -14.06 13.53
C GLY B 37 -8.00 -14.46 14.07
N VAL B 38 -7.57 -13.82 15.15
CA VAL B 38 -6.29 -14.15 15.79
C VAL B 38 -6.48 -14.80 17.14
N THR B 39 -5.44 -15.47 17.61
CA THR B 39 -5.48 -16.20 18.88
C THR B 39 -5.58 -15.19 20.05
N GLU B 40 -6.27 -15.55 21.14
CA GLU B 40 -6.28 -14.71 22.37
C GLU B 40 -4.86 -14.43 22.83
N GLY B 41 -4.58 -13.17 23.18
CA GLY B 41 -3.26 -12.78 23.66
C GLY B 41 -2.56 -11.74 22.80
N LEU B 42 -1.26 -11.61 23.00
CA LEU B 42 -0.44 -10.57 22.37
C LEU B 42 0.01 -11.03 21.00
N HIS B 43 0.00 -10.10 20.07
CA HIS B 43 0.50 -10.27 18.73
C HIS B 43 1.33 -9.07 18.38
N GLY B 44 2.59 -9.30 18.02
CA GLY B 44 3.48 -8.23 17.57
C GLY B 44 2.90 -7.47 16.37
N PHE B 45 3.20 -6.18 16.30
CA PHE B 45 2.47 -5.25 15.45
C PHE B 45 3.51 -4.27 14.96
N HIS B 46 3.96 -4.41 13.70
CA HIS B 46 5.09 -3.65 13.23
C HIS B 46 4.86 -3.07 11.84
N VAL B 47 5.51 -1.95 11.56
CA VAL B 47 5.70 -1.48 10.18
C VAL B 47 7.01 -2.11 9.67
N HIS B 48 6.88 -2.85 8.59
CA HIS B 48 8.02 -3.43 7.86
C HIS B 48 8.44 -2.55 6.71
N GLU B 49 9.67 -2.71 6.29
CA GLU B 49 10.33 -1.73 5.43
C GLU B 49 9.67 -1.54 4.05
N PHE B 50 9.38 -2.64 3.38
CA PHE B 50 8.90 -2.56 2.00
C PHE B 50 7.42 -2.78 1.91
N GLY B 51 6.77 -2.03 1.03
CA GLY B 51 5.38 -2.21 0.71
C GLY B 51 5.20 -3.23 -0.39
N ASP B 52 5.84 -4.38 -0.22
CA ASP B 52 5.98 -5.38 -1.28
C ASP B 52 5.31 -6.64 -0.78
N ASN B 53 4.20 -7.02 -1.38
CA ASN B 53 3.52 -8.24 -1.00
C ASN B 53 3.50 -9.25 -2.17
N THR B 54 4.52 -9.12 -3.01
CA THR B 54 4.72 -9.92 -4.25
C THR B 54 4.51 -11.40 -3.96
N ALA B 55 5.17 -11.89 -2.93
CA ALA B 55 5.07 -13.30 -2.58
C ALA B 55 4.46 -13.44 -1.17
N GLY B 56 3.52 -12.56 -0.86
CA GLY B 56 2.94 -12.43 0.47
C GLY B 56 3.72 -11.54 1.45
N CYS B 57 3.44 -11.72 2.73
CA CYS B 57 4.04 -10.88 3.77
C CYS B 57 5.54 -10.97 3.93
N THR B 58 6.15 -12.11 3.55
CA THR B 58 7.59 -12.24 3.57
C THR B 58 8.32 -11.21 2.72
N SER B 59 7.69 -10.76 1.62
CA SER B 59 8.32 -9.80 0.72
C SER B 59 8.53 -8.40 1.34
N ALA B 60 7.87 -8.14 2.47
CA ALA B 60 7.94 -6.90 3.18
C ALA B 60 9.28 -6.61 3.87
N GLY B 61 10.13 -7.62 4.00
CA GLY B 61 11.43 -7.44 4.60
C GLY B 61 11.40 -7.22 6.11
N PRO B 62 12.47 -6.60 6.62
CA PRO B 62 12.63 -6.42 8.05
C PRO B 62 11.82 -5.26 8.58
N HIS B 63 11.95 -4.95 9.88
CA HIS B 63 11.24 -3.83 10.45
C HIS B 63 11.74 -2.54 9.81
N PHE B 64 10.83 -1.60 9.61
CA PHE B 64 11.23 -0.28 9.13
C PHE B 64 12.14 0.36 10.16
N ASN B 65 13.40 0.57 9.75
CA ASN B 65 14.44 1.01 10.67
C ASN B 65 15.34 2.03 9.99
N PRO B 66 14.78 3.19 9.61
CA PRO B 66 15.55 4.22 8.90
C PRO B 66 16.74 4.74 9.70
N LEU B 67 16.71 4.62 11.04
CA LEU B 67 17.74 5.19 11.91
C LEU B 67 18.78 4.15 12.37
N SER B 68 18.66 2.92 11.85
CA SER B 68 19.64 1.88 12.16
C SER B 68 19.79 1.57 13.65
N ARG B 69 18.68 1.53 14.36
CA ARG B 69 18.70 1.24 15.79
CA ARG B 69 18.63 1.26 15.80
C ARG B 69 18.33 -0.22 16.05
N LYS B 70 18.34 -0.61 17.31
CA LYS B 70 17.96 -1.96 17.70
C LYS B 70 16.44 -2.00 17.93
N HIS B 71 15.89 -3.21 17.90
CA HIS B 71 14.48 -3.44 18.17
C HIS B 71 14.08 -3.04 19.59
N GLY B 72 12.89 -2.50 19.75
CA GLY B 72 12.40 -2.13 21.06
C GLY B 72 10.88 -2.12 21.09
N GLY B 73 10.38 -1.59 22.19
CA GLY B 73 8.99 -1.28 22.36
C GLY B 73 8.72 0.16 21.97
N PRO B 74 7.45 0.49 21.75
CA PRO B 74 7.12 1.80 21.21
C PRO B 74 7.46 2.94 22.17
N LYS B 75 7.49 2.63 23.47
CA LYS B 75 7.81 3.62 24.51
C LYS B 75 9.31 3.74 24.76
N ASP B 76 10.12 2.96 24.06
CA ASP B 76 11.57 3.02 24.21
C ASP B 76 12.21 4.02 23.25
N GLU B 77 13.27 4.69 23.70
CA GLU B 77 14.10 5.51 22.81
CA GLU B 77 14.06 5.52 22.78
C GLU B 77 14.82 4.63 21.80
N GLU B 78 15.38 3.53 22.29
CA GLU B 78 16.03 2.57 21.41
C GLU B 78 14.93 1.68 20.81
N ARG B 79 14.52 2.00 19.60
CA ARG B 79 13.54 1.19 18.87
C ARG B 79 13.74 1.43 17.39
N HIS B 80 13.22 0.53 16.57
CA HIS B 80 12.98 0.79 15.15
C HIS B 80 11.78 1.75 15.00
N VAL B 81 11.76 2.60 13.97
CA VAL B 81 10.57 3.43 13.70
C VAL B 81 9.35 2.56 13.61
N GLY B 82 9.46 1.39 12.99
CA GLY B 82 8.30 0.51 12.83
C GLY B 82 7.80 -0.25 14.06
N ASP B 83 8.42 -0.02 15.21
CA ASP B 83 8.11 -0.79 16.39
C ASP B 83 6.88 -0.29 17.13
N LEU B 84 5.73 -0.91 16.85
CA LEU B 84 4.48 -0.49 17.47
C LEU B 84 4.02 -1.46 18.55
N GLY B 85 4.90 -2.32 19.02
CA GLY B 85 4.61 -3.13 20.22
C GLY B 85 3.71 -4.31 19.90
N ASN B 86 2.69 -4.51 20.71
CA ASN B 86 1.70 -5.55 20.55
C ASN B 86 0.27 -5.02 20.51
N VAL B 87 -0.58 -5.68 19.75
CA VAL B 87 -2.01 -5.56 19.92
C VAL B 87 -2.46 -6.81 20.70
N THR B 88 -3.55 -6.68 21.41
CA THR B 88 -4.00 -7.75 22.32
C THR B 88 -5.35 -8.20 21.90
N ALA B 89 -5.47 -9.50 21.64
CA ALA B 89 -6.71 -10.08 21.20
C ALA B 89 -7.40 -10.77 22.38
N ASP B 90 -8.71 -10.60 22.47
CA ASP B 90 -9.55 -11.28 23.47
C ASP B 90 -9.95 -12.72 23.05
N LYS B 91 -10.82 -13.36 23.84
CA LYS B 91 -11.25 -14.73 23.56
C LYS B 91 -12.04 -14.87 22.27
N ASP B 92 -12.71 -13.79 21.83
CA ASP B 92 -13.41 -13.80 20.56
C ASP B 92 -12.44 -13.60 19.38
N GLY B 93 -11.14 -13.52 19.68
CA GLY B 93 -10.11 -13.41 18.64
C GLY B 93 -10.04 -12.02 18.00
N VAL B 94 -10.69 -11.06 18.63
CA VAL B 94 -10.65 -9.66 18.18
C VAL B 94 -9.66 -8.79 18.98
N ALA B 95 -8.81 -8.04 18.26
CA ALA B 95 -7.96 -7.01 18.89
C ALA B 95 -8.47 -5.64 18.47
N ASP B 96 -8.85 -4.81 19.43
CA ASP B 96 -9.29 -3.46 19.12
C ASP B 96 -8.05 -2.61 19.33
N VAL B 97 -7.63 -1.90 18.28
CA VAL B 97 -6.35 -1.19 18.28
C VAL B 97 -6.64 0.26 18.54
N SER B 98 -5.90 0.81 19.50
CA SER B 98 -5.92 2.22 19.81
C SER B 98 -4.54 2.56 20.36
N ILE B 99 -3.71 3.17 19.52
CA ILE B 99 -2.32 3.51 19.79
C ILE B 99 -2.16 5.01 19.44
N GLU B 100 -1.33 5.74 20.16
CA GLU B 100 -0.74 6.99 19.67
C GLU B 100 0.77 6.80 19.67
N ASP B 101 1.43 7.17 18.57
CA ASP B 101 2.87 7.00 18.47
C ASP B 101 3.52 8.29 17.96
N SER B 102 4.66 8.62 18.57
CA SER B 102 5.35 9.88 18.29
CA SER B 102 5.33 9.88 18.29
C SER B 102 6.50 9.71 17.31
N VAL B 103 6.81 8.47 16.95
CA VAL B 103 7.96 8.17 16.11
C VAL B 103 7.63 7.86 14.64
N ILE B 104 6.62 7.03 14.39
CA ILE B 104 6.10 6.92 13.02
C ILE B 104 5.60 8.29 12.55
N SER B 105 5.51 8.45 11.24
CA SER B 105 4.96 9.68 10.67
C SER B 105 4.26 9.33 9.38
N LEU B 106 3.43 10.25 8.91
CA LEU B 106 2.83 10.14 7.58
C LEU B 106 3.44 11.11 6.56
N SER B 107 4.56 11.74 6.93
CA SER B 107 5.43 12.44 5.98
C SER B 107 6.90 12.41 6.44
N GLY B 108 7.78 12.85 5.55
CA GLY B 108 9.19 12.89 5.89
C GLY B 108 9.88 11.54 5.95
N ASP B 109 11.06 11.56 6.55
CA ASP B 109 11.92 10.39 6.59
C ASP B 109 11.40 9.18 7.39
N HIS B 110 10.48 9.44 8.32
CA HIS B 110 9.88 8.36 9.12
C HIS B 110 8.51 8.00 8.57
N CSO B 111 8.22 8.44 7.35
CA CSO B 111 6.91 8.19 6.72
CB CSO B 111 6.81 8.89 5.37
SG CSO B 111 5.12 8.73 4.74
C CSO B 111 6.73 6.69 6.53
O CSO B 111 7.66 6.00 6.07
OD CSO B 111 4.75 9.83 3.33
N ILE B 112 5.54 6.20 6.89
CA ILE B 112 5.21 4.79 6.79
C ILE B 112 4.26 4.53 5.64
N ILE B 113 3.85 5.57 4.93
CA ILE B 113 3.03 5.38 3.73
C ILE B 113 3.84 4.59 2.69
N GLY B 114 3.22 3.55 2.14
CA GLY B 114 3.82 2.74 1.11
C GLY B 114 4.61 1.60 1.71
N ARG B 115 4.60 1.47 3.03
CA ARG B 115 5.28 0.35 3.70
C ARG B 115 4.23 -0.66 4.14
N THR B 116 4.66 -1.77 4.77
CA THR B 116 3.75 -2.84 5.10
C THR B 116 3.49 -2.94 6.61
N LEU B 117 2.21 -2.95 6.99
CA LEU B 117 1.83 -3.20 8.40
C LEU B 117 1.65 -4.71 8.54
N VAL B 118 2.23 -5.27 9.62
CA VAL B 118 2.23 -6.71 9.84
C VAL B 118 1.73 -7.01 11.26
N VAL B 119 0.79 -7.93 11.37
CA VAL B 119 0.44 -8.52 12.66
C VAL B 119 1.03 -9.93 12.73
N HIS B 120 1.68 -10.21 13.86
CA HIS B 120 2.44 -11.47 14.05
C HIS B 120 1.75 -12.58 14.83
N GLU B 121 2.31 -13.77 14.64
CA GLU B 121 1.94 -15.04 15.29
CA GLU B 121 1.81 -14.98 15.30
C GLU B 121 1.95 -14.89 16.82
N LYS B 122 3.06 -14.31 17.30
CA LYS B 122 3.42 -14.35 18.70
CA LYS B 122 3.42 -14.35 18.71
C LYS B 122 3.56 -12.96 19.30
N ALA B 123 3.73 -12.90 20.60
CA ALA B 123 4.01 -11.66 21.25
C ALA B 123 5.41 -11.13 20.90
N ASP B 124 5.52 -9.81 20.80
CA ASP B 124 6.77 -9.11 20.68
C ASP B 124 7.30 -8.90 22.09
N ASP B 125 8.52 -9.34 22.36
CA ASP B 125 9.13 -9.16 23.72
C ASP B 125 9.73 -7.79 23.97
N LEU B 126 9.56 -6.90 22.99
CA LEU B 126 9.97 -5.50 23.06
C LEU B 126 11.48 -5.38 23.35
N GLY B 127 12.23 -6.39 22.94
CA GLY B 127 13.68 -6.35 22.98
C GLY B 127 14.25 -6.75 24.33
N LYS B 128 13.39 -7.30 25.16
CA LYS B 128 13.71 -7.71 26.53
C LYS B 128 13.67 -9.24 26.75
N GLY B 129 13.77 -10.06 25.69
CA GLY B 129 13.40 -11.48 25.78
C GLY B 129 14.42 -12.59 26.06
N GLY B 130 15.69 -12.25 26.09
CA GLY B 130 16.71 -13.20 26.57
C GLY B 130 17.39 -14.05 25.51
N ASN B 131 17.35 -13.58 24.27
CA ASN B 131 18.17 -14.13 23.20
C ASN B 131 18.60 -12.99 22.27
N GLU B 132 19.39 -13.31 21.25
CA GLU B 132 19.88 -12.30 20.31
C GLU B 132 18.77 -11.82 19.39
N GLU B 133 17.88 -12.71 18.95
CA GLU B 133 16.81 -12.28 18.04
C GLU B 133 15.90 -11.20 18.66
N SER B 134 15.84 -11.17 20.00
CA SER B 134 14.97 -10.23 20.69
C SER B 134 15.20 -8.77 20.26
N THR B 135 16.46 -8.37 20.04
CA THR B 135 16.74 -6.98 19.69
C THR B 135 16.81 -6.76 18.16
N LYS B 136 16.34 -7.75 17.39
CA LYS B 136 16.08 -7.59 15.95
C LYS B 136 14.59 -7.68 15.60
N THR B 137 13.91 -8.70 16.10
CA THR B 137 12.54 -8.97 15.68
C THR B 137 11.56 -8.98 16.85
N GLY B 138 12.07 -9.11 18.07
CA GLY B 138 11.27 -9.22 19.27
C GLY B 138 10.65 -10.61 19.40
N ASN B 139 11.17 -11.56 18.62
CA ASN B 139 10.67 -12.95 18.70
C ASN B 139 9.15 -13.10 18.50
N ALA B 140 8.58 -12.30 17.61
CA ALA B 140 7.15 -12.31 17.35
C ALA B 140 6.68 -13.36 16.33
N GLY B 141 7.62 -14.03 15.68
CA GLY B 141 7.29 -15.22 14.90
C GLY B 141 6.72 -14.84 13.55
N SER B 142 5.85 -15.70 13.05
CA SER B 142 5.47 -15.63 11.66
C SER B 142 4.49 -14.46 11.47
N ARG B 143 4.26 -14.15 10.21
CA ARG B 143 3.44 -13.01 9.84
C ARG B 143 2.05 -13.51 9.50
N LEU B 144 1.11 -13.26 10.40
CA LEU B 144 -0.28 -13.71 10.24
CA LEU B 144 -0.27 -13.74 10.23
C LEU B 144 -1.01 -12.98 9.13
N ALA B 145 -0.81 -11.68 9.06
CA ALA B 145 -1.55 -10.83 8.16
C ALA B 145 -0.76 -9.56 7.88
N CYS B 146 -0.98 -8.97 6.71
CA CYS B 146 -0.29 -7.74 6.37
C CYS B 146 -1.04 -6.98 5.30
N GLY B 147 -0.64 -5.75 5.12
CA GLY B 147 -1.23 -4.95 4.03
C GLY B 147 -0.34 -3.77 3.79
N VAL B 148 -0.47 -3.14 2.62
CA VAL B 148 0.35 -1.95 2.33
C VAL B 148 -0.40 -0.74 2.88
N ILE B 149 0.34 0.17 3.49
CA ILE B 149 -0.24 1.38 4.07
C ILE B 149 -0.43 2.43 2.98
N GLY B 150 -1.66 2.85 2.78
CA GLY B 150 -1.97 3.82 1.74
C GLY B 150 -2.51 5.15 2.26
N ILE B 151 -2.38 6.16 1.42
CA ILE B 151 -2.95 7.48 1.66
C ILE B 151 -4.45 7.38 1.65
N ALA B 152 -5.07 8.02 2.66
CA ALA B 152 -6.51 7.99 2.84
C ALA B 152 -7.07 9.40 2.68
N GLN B 153 -8.35 9.42 2.36
CA GLN B 153 -9.11 10.65 2.19
C GLN B 153 -9.39 11.33 3.52
ZN ZN C . -9.86 4.18 -13.19
CU CU D . -8.85 3.88 -13.15
ZN ZN E . -7.91 10.05 -15.62
S SO4 F . -13.05 5.07 -12.65
O1 SO4 F . -13.13 6.25 -11.83
O2 SO4 F . -13.32 3.87 -11.85
O3 SO4 F . -14.12 5.13 -13.67
O4 SO4 F . -11.75 5.11 -13.31
N1 U5P G . -2.08 8.21 -26.80
C2 U5P G . -2.56 9.12 -25.94
N3 U5P G . -3.63 9.89 -26.31
C4 U5P G . -4.24 9.72 -27.50
C5 U5P G . -3.76 8.77 -28.39
C6 U5P G . -2.71 8.01 -28.05
O2 U5P G . -2.01 9.29 -24.82
O4 U5P G . -5.24 10.40 -27.81
C1' U5P G . -0.92 7.40 -26.44
C2' U5P G . -1.32 5.93 -26.33
O2' U5P G . -1.02 5.50 -25.01
C3' U5P G . -0.49 5.23 -27.40
C4' U5P G . 0.64 6.21 -27.69
O3' U5P G . 0.03 3.95 -27.01
O4' U5P G . 0.11 7.50 -27.42
C5' U5P G . 1.17 6.08 -29.11
O5' U5P G . 2.39 6.83 -29.20
P U5P G . 3.18 6.95 -30.60
O1P U5P G . 3.85 5.59 -30.72
O2P U5P G . 2.15 7.23 -31.66
O3P U5P G . 4.14 8.10 -30.34
CU CU H . 6.69 -7.12 12.34
ZN ZN I . 7.38 -7.95 12.36
ZN ZN J . 11.65 -3.78 15.39
S SO4 K . 9.78 -10.40 11.69
O1 SO4 K . 8.84 -11.17 10.85
O2 SO4 K . 9.18 -9.25 12.33
O3 SO4 K . 10.18 -11.33 12.76
O4 SO4 K . 10.95 -10.02 10.94
S SO4 L . 11.46 -14.53 14.88
O1 SO4 L . 11.15 -13.11 14.71
O2 SO4 L . 10.38 -15.11 15.69
O3 SO4 L . 11.58 -15.20 13.60
O4 SO4 L . 12.74 -14.68 15.57
S SO4 M . -17.18 4.85 -16.17
O1 SO4 M . -17.88 4.28 -15.00
O2 SO4 M . -17.23 3.92 -17.29
O3 SO4 M . -17.78 6.14 -16.50
O4 SO4 M . -15.79 5.00 -15.83
#